data_6QH4
#
_entry.id   6QH4
#
_cell.length_a   53.162
_cell.length_b   66.990
_cell.length_c   77.125
_cell.angle_alpha   90.000
_cell.angle_beta   90.020
_cell.angle_gamma   90.000
#
_symmetry.space_group_name_H-M   'P 1 21 1'
#
loop_
_entity.id
_entity.type
_entity.pdbx_description
1 polymer 'Methylmalonyl-CoA epimerase, mitochondrial'
2 non-polymer 'COBALT (II) ION'
3 water water
#
_entity_poly.entity_id   1
_entity_poly.type   'polypeptide(L)'
_entity_poly.pdbx_seq_one_letter_code
;MHHHHHHSSGVDLGTENLYFQSMLGRLNHVAIAVPDLEKAAAFYKNILGAQVSEAVPLPEHGVSVVFVNLGNTKMELLHP
LGLDSPIAGFLQKNKAGGMHHICIEVDNINAAVMDLKKKKICSLSEEVKIGAHGKPVIFLHPKDCGGVLVELEQA
;
_entity_poly.pdbx_strand_id   C,A,B,D
#
loop_
_chem_comp.id
_chem_comp.type
_chem_comp.name
_chem_comp.formula
CO non-polymer 'COBALT (II) ION' 'Co 2'
#
# COMPACT_ATOMS: atom_id res chain seq x y z
N GLU A 16 17.54 -10.45 -17.37
CA GLU A 16 18.80 -11.19 -17.40
C GLU A 16 18.60 -12.64 -16.99
N ASN A 17 18.74 -13.55 -17.95
CA ASN A 17 18.58 -14.98 -17.69
C ASN A 17 19.95 -15.62 -17.47
N LEU A 18 20.51 -15.33 -16.30
CA LEU A 18 21.80 -15.86 -15.88
C LEU A 18 21.59 -17.00 -14.90
N TYR A 19 22.65 -17.78 -14.69
CA TYR A 19 22.60 -18.86 -13.71
C TYR A 19 22.58 -18.29 -12.31
N PHE A 20 21.60 -18.70 -11.52
CA PHE A 20 21.38 -18.14 -10.19
C PHE A 20 21.00 -19.27 -9.25
N GLN A 21 21.91 -19.66 -8.36
CA GLN A 21 21.66 -20.64 -7.31
C GLN A 21 21.71 -19.91 -5.97
N SER A 22 20.55 -19.77 -5.33
CA SER A 22 20.46 -19.03 -4.08
C SER A 22 19.16 -19.39 -3.38
N MET A 23 19.16 -19.25 -2.06
CA MET A 23 17.98 -19.56 -1.26
CA MET A 23 17.99 -19.56 -1.24
C MET A 23 17.22 -18.31 -0.81
N LEU A 24 17.72 -17.12 -1.15
CA LEU A 24 16.98 -15.90 -0.83
C LEU A 24 15.73 -15.82 -1.68
N GLY A 25 14.64 -15.33 -1.09
CA GLY A 25 13.39 -15.24 -1.83
C GLY A 25 12.85 -13.83 -1.93
N ARG A 26 11.53 -13.73 -2.04
CA ARG A 26 10.86 -12.44 -2.17
C ARG A 26 10.84 -11.70 -0.85
N LEU A 27 10.74 -10.36 -0.95
CA LEU A 27 10.53 -9.55 0.24
C LEU A 27 9.11 -9.75 0.75
N ASN A 28 8.97 -10.29 1.95
CA ASN A 28 7.64 -10.60 2.46
C ASN A 28 6.96 -9.35 3.03
N HIS A 29 7.67 -8.54 3.83
CA HIS A 29 7.07 -7.31 4.32
C HIS A 29 8.15 -6.32 4.77
N VAL A 30 7.73 -5.06 4.89
CA VAL A 30 8.49 -4.00 5.53
C VAL A 30 7.72 -3.55 6.77
N ALA A 31 8.41 -3.48 7.90
CA ALA A 31 7.76 -3.18 9.17
C ALA A 31 8.00 -1.75 9.60
N ILE A 32 6.93 -1.10 10.08
CA ILE A 32 6.97 0.28 10.55
C ILE A 32 6.35 0.30 11.95
N ALA A 33 7.12 0.79 12.92
CA ALA A 33 6.60 1.00 14.26
C ALA A 33 5.90 2.35 14.29
N VAL A 34 4.62 2.36 14.68
CA VAL A 34 3.83 3.58 14.65
C VAL A 34 3.39 3.95 16.06
N PRO A 35 3.30 5.24 16.39
CA PRO A 35 2.83 5.63 17.72
C PRO A 35 1.32 5.54 17.89
N ASP A 36 0.57 5.41 16.80
CA ASP A 36 -0.87 5.21 16.87
C ASP A 36 -1.26 4.29 15.73
N LEU A 37 -1.76 3.09 16.05
CA LEU A 37 -2.11 2.13 15.02
C LEU A 37 -3.31 2.61 14.21
N GLU A 38 -4.34 3.13 14.88
CA GLU A 38 -5.57 3.52 14.21
C GLU A 38 -5.32 4.64 13.20
N LYS A 39 -4.63 5.70 13.63
CA LYS A 39 -4.38 6.83 12.74
C LYS A 39 -3.41 6.49 11.62
N ALA A 40 -2.49 5.54 11.86
CA ALA A 40 -1.60 5.11 10.79
C ALA A 40 -2.35 4.29 9.76
N ALA A 41 -3.15 3.32 10.20
CA ALA A 41 -3.91 2.49 9.27
C ALA A 41 -4.90 3.32 8.48
N ALA A 42 -5.49 4.34 9.10
CA ALA A 42 -6.46 5.18 8.40
C ALA A 42 -5.79 6.04 7.34
N PHE A 43 -4.54 6.45 7.56
CA PHE A 43 -3.84 7.25 6.56
C PHE A 43 -3.64 6.47 5.27
N TYR A 44 -3.06 5.28 5.36
CA TYR A 44 -2.81 4.50 4.16
C TYR A 44 -4.12 4.08 3.49
N LYS A 45 -5.18 3.86 4.27
CA LYS A 45 -6.45 3.45 3.69
C LYS A 45 -7.18 4.63 3.06
N ASN A 46 -7.34 5.72 3.80
CA ASN A 46 -8.23 6.81 3.39
C ASN A 46 -7.52 7.97 2.70
N ILE A 47 -6.22 8.12 2.87
CA ILE A 47 -5.47 9.18 2.21
C ILE A 47 -4.77 8.68 0.96
N LEU A 48 -4.09 7.53 1.06
CA LEU A 48 -3.37 6.97 -0.08
C LEU A 48 -4.18 5.93 -0.86
N GLY A 49 -5.31 5.47 -0.32
CA GLY A 49 -6.13 4.51 -1.02
C GLY A 49 -5.57 3.11 -1.07
N ALA A 50 -4.81 2.71 -0.05
CA ALA A 50 -4.26 1.36 0.03
C ALA A 50 -5.27 0.40 0.65
N GLN A 51 -5.08 -0.89 0.36
CA GLN A 51 -5.89 -1.93 0.99
C GLN A 51 -5.30 -2.26 2.36
N VAL A 52 -6.06 -1.98 3.41
CA VAL A 52 -5.60 -2.06 4.79
C VAL A 52 -6.45 -3.07 5.53
N SER A 53 -5.81 -3.90 6.34
CA SER A 53 -6.51 -4.91 7.11
C SER A 53 -6.97 -4.33 8.44
N GLU A 54 -7.74 -5.13 9.18
CA GLU A 54 -8.13 -4.74 10.52
C GLU A 54 -6.99 -5.03 11.49
N ALA A 55 -6.96 -4.28 12.59
CA ALA A 55 -5.94 -4.48 13.60
C ALA A 55 -6.01 -5.90 14.15
N VAL A 56 -4.89 -6.61 14.08
CA VAL A 56 -4.78 -7.98 14.59
C VAL A 56 -3.89 -7.94 15.82
N PRO A 57 -4.39 -8.32 16.99
CA PRO A 57 -3.53 -8.38 18.18
C PRO A 57 -2.73 -9.68 18.20
N LEU A 58 -1.45 -9.56 18.53
CA LEU A 58 -0.55 -10.71 18.62
C LEU A 58 0.15 -10.63 19.97
N PRO A 59 -0.52 -11.07 21.04
CA PRO A 59 0.06 -10.95 22.38
C PRO A 59 1.33 -11.75 22.57
N GLU A 60 1.43 -12.92 21.92
CA GLU A 60 2.63 -13.74 22.06
C GLU A 60 3.87 -13.05 21.54
N HIS A 61 3.71 -12.04 20.67
CA HIS A 61 4.82 -11.25 20.17
C HIS A 61 4.79 -9.82 20.69
N GLY A 62 3.82 -9.47 21.54
CA GLY A 62 3.79 -8.17 22.15
C GLY A 62 3.53 -7.01 21.21
N VAL A 63 2.86 -7.25 20.10
CA VAL A 63 2.54 -6.19 19.15
C VAL A 63 1.14 -6.42 18.59
N SER A 64 0.52 -5.32 18.17
CA SER A 64 -0.64 -5.34 17.29
C SER A 64 -0.18 -4.92 15.90
N VAL A 65 -0.65 -5.62 14.88
CA VAL A 65 -0.18 -5.42 13.52
C VAL A 65 -1.36 -5.06 12.63
N VAL A 66 -1.13 -4.14 11.70
CA VAL A 66 -2.06 -3.81 10.62
C VAL A 66 -1.34 -4.05 9.31
N PHE A 67 -1.93 -4.86 8.44
CA PHE A 67 -1.30 -5.24 7.19
C PHE A 67 -1.77 -4.30 6.07
N VAL A 68 -0.81 -3.64 5.43
CA VAL A 68 -1.07 -2.81 4.26
C VAL A 68 -0.62 -3.59 3.04
N ASN A 69 -1.58 -4.02 2.22
CA ASN A 69 -1.30 -4.87 1.06
C ASN A 69 -1.08 -3.99 -0.16
N LEU A 70 0.15 -3.98 -0.67
CA LEU A 70 0.50 -3.24 -1.87
C LEU A 70 0.57 -4.13 -3.10
N GLY A 71 0.06 -5.36 -3.02
CA GLY A 71 0.06 -6.25 -4.16
C GLY A 71 1.30 -7.11 -4.25
N ASN A 72 2.45 -6.48 -4.49
CA ASN A 72 3.71 -7.22 -4.62
C ASN A 72 4.31 -7.59 -3.27
N THR A 73 3.93 -6.88 -2.22
CA THR A 73 4.42 -7.14 -0.88
C THR A 73 3.47 -6.46 0.11
N LYS A 74 3.78 -6.60 1.39
CA LYS A 74 2.94 -6.03 2.44
C LYS A 74 3.77 -5.12 3.32
N MET A 75 3.12 -4.12 3.90
CA MET A 75 3.71 -3.34 4.97
C MET A 75 2.98 -3.64 6.28
N GLU A 76 3.76 -3.81 7.34
CA GLU A 76 3.22 -4.15 8.65
C GLU A 76 3.40 -2.94 9.57
N LEU A 77 2.28 -2.34 9.97
CA LEU A 77 2.28 -1.25 10.94
C LEU A 77 2.15 -1.87 12.33
N LEU A 78 3.19 -1.72 13.14
CA LEU A 78 3.28 -2.36 14.45
C LEU A 78 3.07 -1.34 15.55
N HIS A 79 2.38 -1.76 16.61
CA HIS A 79 2.18 -0.96 17.80
C HIS A 79 2.38 -1.86 19.02
N PRO A 80 2.99 -1.35 20.08
CA PRO A 80 3.24 -2.18 21.26
C PRO A 80 1.96 -2.74 21.85
N LEU A 81 2.05 -3.98 22.35
CA LEU A 81 0.95 -4.64 23.06
C LEU A 81 1.56 -5.31 24.27
N GLY A 82 1.50 -4.66 25.41
CA GLY A 82 2.20 -5.11 26.59
C GLY A 82 3.41 -4.23 26.90
N LEU A 83 3.79 -4.24 28.18
CA LEU A 83 4.84 -3.33 28.62
C LEU A 83 6.22 -3.79 28.16
N ASP A 84 6.44 -5.09 28.03
CA ASP A 84 7.70 -5.64 27.57
C ASP A 84 7.75 -5.84 26.06
N SER A 85 7.15 -4.92 25.30
CA SER A 85 7.13 -5.06 23.84
C SER A 85 8.53 -4.83 23.27
N PRO A 86 8.92 -5.55 22.21
CA PRO A 86 10.26 -5.33 21.64
C PRO A 86 10.41 -4.02 20.92
N ILE A 87 9.34 -3.49 20.33
CA ILE A 87 9.40 -2.23 19.58
C ILE A 87 9.07 -1.07 20.51
N ALA A 88 8.93 -1.35 21.80
CA ALA A 88 8.65 -0.29 22.77
C ALA A 88 9.86 0.64 22.91
N GLY A 89 11.06 0.07 22.97
CA GLY A 89 12.26 0.90 23.02
C GLY A 89 12.48 1.70 21.75
N PHE A 90 12.08 1.15 20.59
CA PHE A 90 12.21 1.87 19.34
C PHE A 90 11.33 3.11 19.32
N LEU A 91 10.08 2.98 19.77
CA LEU A 91 9.18 4.12 19.78
C LEU A 91 9.52 5.13 20.86
N GLN A 92 10.37 4.77 21.83
CA GLN A 92 10.86 5.76 22.79
C GLN A 92 11.93 6.65 22.18
N LYS A 93 12.74 6.10 21.28
CA LYS A 93 13.73 6.91 20.57
C LYS A 93 13.12 7.65 19.40
N ASN A 94 12.22 6.99 18.66
CA ASN A 94 11.53 7.57 17.51
C ASN A 94 10.06 7.73 17.88
N LYS A 95 9.74 8.86 18.53
CA LYS A 95 8.39 9.07 19.05
C LYS A 95 7.37 9.21 17.93
N ALA A 96 7.77 9.74 16.78
CA ALA A 96 6.86 9.90 15.65
C ALA A 96 6.71 8.62 14.83
N GLY A 97 7.45 7.57 15.17
CA GLY A 97 7.44 6.35 14.39
C GLY A 97 8.68 6.22 13.55
N GLY A 98 8.67 5.21 12.70
CA GLY A 98 9.79 4.99 11.81
C GLY A 98 9.85 3.57 11.30
N MET A 99 10.57 3.41 10.20
CA MET A 99 10.80 2.08 9.65
C MET A 99 11.61 1.24 10.63
N HIS A 100 11.14 0.01 10.86
CA HIS A 100 11.74 -0.85 11.89
C HIS A 100 12.62 -1.94 11.30
N HIS A 101 12.09 -2.76 10.39
CA HIS A 101 12.85 -3.87 9.82
C HIS A 101 12.21 -4.31 8.53
N ILE A 102 12.96 -5.11 7.76
CA ILE A 102 12.46 -5.76 6.56
C ILE A 102 12.48 -7.27 6.80
N CYS A 103 11.67 -7.97 6.02
CA CYS A 103 11.55 -9.43 6.13
C CYS A 103 11.72 -10.05 4.76
N ILE A 104 12.73 -10.90 4.60
CA ILE A 104 12.99 -11.60 3.35
C ILE A 104 12.78 -13.08 3.59
N GLU A 105 12.14 -13.74 2.63
CA GLU A 105 11.85 -15.17 2.75
C GLU A 105 13.07 -15.98 2.34
N VAL A 106 13.21 -17.14 2.96
CA VAL A 106 14.26 -18.10 2.61
C VAL A 106 13.61 -19.44 2.32
N ASP A 107 14.21 -20.18 1.38
CA ASP A 107 13.64 -21.46 0.95
C ASP A 107 13.66 -22.49 2.06
N ASN A 108 14.66 -22.43 2.95
CA ASN A 108 14.75 -23.36 4.08
C ASN A 108 15.54 -22.66 5.18
N ILE A 109 14.88 -22.40 6.31
CA ILE A 109 15.51 -21.62 7.37
C ILE A 109 16.71 -22.34 7.97
N ASN A 110 16.67 -23.67 8.04
CA ASN A 110 17.73 -24.40 8.72
C ASN A 110 19.03 -24.39 7.92
N ALA A 111 18.95 -24.67 6.62
CA ALA A 111 20.14 -24.58 5.78
C ALA A 111 20.67 -23.16 5.75
N ALA A 112 19.79 -22.17 5.85
CA ALA A 112 20.19 -20.78 5.85
C ALA A 112 21.01 -20.42 7.09
N VAL A 113 20.58 -20.85 8.29
CA VAL A 113 21.22 -20.32 9.49
C VAL A 113 22.65 -20.83 9.58
N MET A 114 22.85 -22.11 9.23
CA MET A 114 24.16 -22.73 9.27
C MET A 114 25.05 -22.23 8.14
N ASP A 115 24.44 -21.81 7.03
CA ASP A 115 25.22 -21.19 5.97
C ASP A 115 25.69 -19.82 6.42
N LEU A 116 24.91 -19.18 7.30
CA LEU A 116 25.35 -17.94 7.91
C LEU A 116 26.40 -18.22 8.99
N LYS A 117 26.23 -19.30 9.74
CA LYS A 117 27.23 -19.70 10.73
C LYS A 117 28.53 -20.11 10.07
N LYS A 118 28.46 -20.81 8.94
CA LYS A 118 29.67 -21.16 8.21
C LYS A 118 30.39 -19.91 7.71
N LYS A 119 29.65 -18.87 7.38
CA LYS A 119 30.21 -17.59 6.96
C LYS A 119 30.57 -16.69 8.15
N LYS A 120 30.48 -17.22 9.37
CA LYS A 120 30.86 -16.49 10.58
C LYS A 120 30.06 -15.19 10.75
N ILE A 121 28.76 -15.27 10.51
CA ILE A 121 27.85 -14.14 10.67
C ILE A 121 27.08 -14.34 11.98
N CYS A 122 27.32 -13.47 12.95
CA CYS A 122 26.64 -13.56 14.24
C CYS A 122 25.26 -12.93 14.14
N SER A 123 24.23 -13.71 14.47
CA SER A 123 22.84 -13.26 14.33
C SER A 123 22.35 -12.63 15.63
N LEU A 124 21.42 -11.69 15.47
CA LEU A 124 20.83 -11.01 16.63
C LEU A 124 19.97 -11.96 17.45
N SER A 125 19.11 -12.73 16.78
CA SER A 125 18.23 -13.67 17.46
C SER A 125 19.01 -14.86 18.02
N VAL A 128 16.91 -19.27 16.40
CA VAL A 128 15.70 -19.53 15.63
C VAL A 128 14.49 -19.53 16.56
N LYS A 129 13.51 -18.68 16.26
CA LYS A 129 12.29 -18.57 17.04
C LYS A 129 11.09 -18.51 16.10
N ILE A 130 9.93 -18.87 16.63
CA ILE A 130 8.69 -18.77 15.86
C ILE A 130 8.35 -17.30 15.69
N GLY A 131 8.12 -16.89 14.43
CA GLY A 131 7.86 -15.51 14.11
C GLY A 131 6.39 -15.13 14.24
N ALA A 132 6.08 -13.90 13.84
CA ALA A 132 4.72 -13.39 13.96
C ALA A 132 3.75 -14.02 12.98
N HIS A 133 4.24 -14.82 12.03
CA HIS A 133 3.39 -15.53 11.09
C HIS A 133 3.34 -17.03 11.35
N GLY A 134 3.78 -17.45 12.54
CA GLY A 134 3.79 -18.85 12.89
C GLY A 134 4.93 -19.66 12.31
N LYS A 135 5.80 -19.04 11.50
CA LYS A 135 6.90 -19.73 10.85
C LYS A 135 8.22 -19.36 11.53
N PRO A 136 9.21 -20.26 11.48
CA PRO A 136 10.49 -19.96 12.15
C PRO A 136 11.22 -18.80 11.48
N VAL A 137 11.81 -17.95 12.31
CA VAL A 137 12.49 -16.75 11.83
C VAL A 137 13.82 -16.59 12.57
N ILE A 138 14.70 -15.79 11.98
CA ILE A 138 15.90 -15.30 12.66
C ILE A 138 16.11 -13.84 12.25
N PHE A 139 16.91 -13.13 13.06
CA PHE A 139 17.18 -11.72 12.85
C PHE A 139 18.68 -11.51 12.74
N LEU A 140 19.08 -10.75 11.72
CA LEU A 140 20.48 -10.38 11.52
C LEU A 140 20.74 -9.00 12.11
N HIS A 141 21.94 -8.81 12.63
CA HIS A 141 22.27 -7.53 13.24
C HIS A 141 22.37 -6.45 12.17
N PRO A 142 21.79 -5.27 12.41
CA PRO A 142 21.79 -4.23 11.36
C PRO A 142 23.18 -3.76 10.96
N LYS A 143 24.20 -3.95 11.81
CA LYS A 143 25.54 -3.52 11.45
C LYS A 143 26.04 -4.25 10.19
N ASP A 144 25.79 -5.55 10.12
CA ASP A 144 26.23 -6.33 8.96
C ASP A 144 25.30 -6.18 7.76
N CYS A 145 24.16 -5.50 7.91
CA CYS A 145 23.19 -5.35 6.83
C CYS A 145 23.12 -3.94 6.28
N GLY A 146 23.97 -3.03 6.77
CA GLY A 146 23.93 -1.65 6.33
C GLY A 146 23.06 -0.73 7.14
N GLY A 147 22.68 -1.12 8.36
CA GLY A 147 21.84 -0.31 9.21
C GLY A 147 20.40 -0.77 9.32
N VAL A 148 19.97 -1.71 8.49
CA VAL A 148 18.59 -2.19 8.49
C VAL A 148 18.54 -3.53 9.21
N LEU A 149 17.63 -3.64 10.17
CA LEU A 149 17.34 -4.93 10.79
C LEU A 149 16.66 -5.84 9.77
N VAL A 150 17.27 -6.99 9.50
CA VAL A 150 16.77 -7.92 8.49
C VAL A 150 16.30 -9.20 9.17
N GLU A 151 15.06 -9.58 8.91
CA GLU A 151 14.47 -10.80 9.41
C GLU A 151 14.34 -11.81 8.29
N LEU A 152 14.87 -13.01 8.49
CA LEU A 152 14.75 -14.10 7.53
C LEU A 152 13.69 -15.08 8.04
N GLU A 153 12.67 -15.34 7.22
CA GLU A 153 11.58 -16.22 7.60
C GLU A 153 11.43 -17.32 6.57
N GLN A 154 11.14 -18.54 7.05
CA GLN A 154 10.97 -19.69 6.17
C GLN A 154 9.83 -19.46 5.18
N ALA A 155 10.14 -19.57 3.89
CA ALA A 155 9.14 -19.39 2.84
C ALA A 155 8.22 -20.60 2.79
N SER B 22 -8.91 3.76 -6.68
CA SER B 22 -7.66 4.08 -6.00
C SER B 22 -6.52 4.29 -7.00
N MET B 23 -5.55 5.13 -6.63
CA MET B 23 -4.41 5.41 -7.49
C MET B 23 -3.13 4.71 -7.03
N LEU B 24 -3.11 4.18 -5.82
CA LEU B 24 -1.88 3.57 -5.30
C LEU B 24 -1.57 2.24 -5.99
N GLY B 25 -0.28 1.99 -6.20
CA GLY B 25 0.15 0.77 -6.85
C GLY B 25 1.08 -0.07 -6.01
N ARG B 26 1.93 -0.86 -6.67
CA ARG B 26 2.87 -1.73 -5.98
C ARG B 26 4.03 -0.93 -5.38
N LEU B 27 4.65 -1.51 -4.36
CA LEU B 27 5.87 -0.94 -3.78
C LEU B 27 7.03 -1.11 -4.76
N ASN B 28 7.59 0.02 -5.20
CA ASN B 28 8.67 -0.03 -6.18
C ASN B 28 9.98 -0.44 -5.55
N HIS B 29 10.34 0.17 -4.43
CA HIS B 29 11.59 -0.18 -3.76
C HIS B 29 11.57 0.31 -2.32
N VAL B 30 12.49 -0.25 -1.54
CA VAL B 30 12.82 0.23 -0.20
C VAL B 30 14.27 0.71 -0.23
N ALA B 31 14.50 1.91 0.28
CA ALA B 31 15.82 2.55 0.21
C ALA B 31 16.54 2.44 1.53
N ILE B 32 17.84 2.12 1.47
CA ILE B 32 18.69 1.98 2.65
C ILE B 32 19.93 2.84 2.44
N ALA B 33 20.17 3.78 3.35
CA ALA B 33 21.40 4.55 3.33
C ALA B 33 22.50 3.75 4.03
N VAL B 34 23.60 3.52 3.33
CA VAL B 34 24.67 2.67 3.85
C VAL B 34 25.96 3.48 3.96
N PRO B 35 26.78 3.24 4.99
CA PRO B 35 28.05 3.97 5.12
C PRO B 35 29.14 3.51 4.15
N ASP B 36 28.98 2.34 3.52
CA ASP B 36 29.90 1.87 2.50
C ASP B 36 29.10 1.12 1.46
N LEU B 37 29.12 1.63 0.22
CA LEU B 37 28.37 1.00 -0.86
C LEU B 37 28.91 -0.39 -1.18
N GLU B 38 30.24 -0.51 -1.28
CA GLU B 38 30.85 -1.77 -1.70
C GLU B 38 30.57 -2.89 -0.71
N LYS B 39 30.82 -2.64 0.58
CA LYS B 39 30.64 -3.68 1.58
C LYS B 39 29.16 -4.00 1.81
N ALA B 40 28.28 -3.02 1.59
CA ALA B 40 26.85 -3.31 1.70
C ALA B 40 26.37 -4.19 0.55
N ALA B 41 26.73 -3.82 -0.69
CA ALA B 41 26.34 -4.63 -1.83
C ALA B 41 26.92 -6.02 -1.76
N ALA B 42 28.16 -6.14 -1.27
CA ALA B 42 28.81 -7.44 -1.18
C ALA B 42 28.14 -8.33 -0.13
N PHE B 43 27.60 -7.73 0.93
CA PHE B 43 26.91 -8.52 1.95
C PHE B 43 25.68 -9.20 1.37
N TYR B 44 24.79 -8.44 0.74
CA TYR B 44 23.59 -9.03 0.17
C TYR B 44 23.94 -10.01 -0.95
N LYS B 45 25.03 -9.77 -1.67
CA LYS B 45 25.42 -10.65 -2.76
C LYS B 45 26.08 -11.93 -2.24
N ASN B 46 27.08 -11.79 -1.34
CA ASN B 46 27.90 -12.93 -0.96
C ASN B 46 27.48 -13.60 0.34
N ILE B 47 26.73 -12.91 1.20
CA ILE B 47 26.28 -13.51 2.45
C ILE B 47 24.84 -14.00 2.34
N LEU B 48 23.94 -13.19 1.80
CA LEU B 48 22.55 -13.56 1.67
C LEU B 48 22.20 -14.16 0.31
N GLY B 49 23.10 -14.06 -0.67
CA GLY B 49 22.83 -14.65 -1.97
C GLY B 49 21.81 -13.90 -2.80
N ALA B 50 21.74 -12.58 -2.67
CA ALA B 50 20.84 -11.80 -3.49
C ALA B 50 21.48 -11.47 -4.83
N GLN B 51 20.64 -11.20 -5.83
CA GLN B 51 21.09 -10.72 -7.13
C GLN B 51 21.31 -9.21 -7.03
N VAL B 52 22.56 -8.78 -7.13
CA VAL B 52 22.95 -7.40 -6.84
C VAL B 52 23.57 -6.78 -8.08
N SER B 53 23.23 -5.54 -8.35
CA SER B 53 23.75 -4.80 -9.50
C SER B 53 25.04 -4.08 -9.13
N GLU B 54 25.66 -3.48 -10.14
CA GLU B 54 26.84 -2.65 -9.93
C GLU B 54 26.42 -1.25 -9.48
N ALA B 55 27.33 -0.59 -8.75
CA ALA B 55 27.08 0.77 -8.29
C ALA B 55 26.87 1.70 -9.48
N VAL B 56 25.75 2.41 -9.47
CA VAL B 56 25.40 3.38 -10.51
C VAL B 56 25.49 4.77 -9.91
N PRO B 57 26.36 5.64 -10.42
CA PRO B 57 26.39 7.03 -9.92
C PRO B 57 25.30 7.87 -10.57
N LEU B 58 24.62 8.66 -9.74
CA LEU B 58 23.55 9.54 -10.17
C LEU B 58 23.80 10.92 -9.58
N PRO B 59 24.67 11.72 -10.21
CA PRO B 59 25.01 13.03 -9.63
C PRO B 59 23.82 13.97 -9.53
N GLU B 60 22.89 13.91 -10.48
CA GLU B 60 21.73 14.80 -10.43
C GLU B 60 20.87 14.56 -9.20
N HIS B 61 20.98 13.39 -8.57
CA HIS B 61 20.26 13.10 -7.34
C HIS B 61 21.19 12.99 -6.14
N GLY B 62 22.49 13.19 -6.34
CA GLY B 62 23.42 13.21 -5.22
C GLY B 62 23.61 11.90 -4.50
N VAL B 63 23.40 10.78 -5.18
CA VAL B 63 23.59 9.46 -4.56
C VAL B 63 24.21 8.51 -5.57
N SER B 64 24.88 7.50 -5.04
CA SER B 64 25.25 6.30 -5.78
C SER B 64 24.33 5.18 -5.30
N VAL B 65 23.81 4.39 -6.25
CA VAL B 65 22.78 3.41 -5.96
C VAL B 65 23.26 2.02 -6.37
N VAL B 66 22.92 1.03 -5.55
CA VAL B 66 23.07 -0.38 -5.86
C VAL B 66 21.71 -1.03 -5.74
N PHE B 67 21.28 -1.73 -6.81
CA PHE B 67 19.96 -2.33 -6.85
C PHE B 67 20.05 -3.79 -6.39
N VAL B 68 19.29 -4.12 -5.35
CA VAL B 68 19.17 -5.48 -4.85
C VAL B 68 17.81 -6.02 -5.31
N ASN B 69 17.82 -7.02 -6.20
CA ASN B 69 16.59 -7.54 -6.78
C ASN B 69 16.11 -8.71 -5.93
N LEU B 70 14.96 -8.53 -5.28
CA LEU B 70 14.34 -9.56 -4.47
C LEU B 70 13.19 -10.27 -5.19
N GLY B 71 13.06 -10.08 -6.50
CA GLY B 71 12.02 -10.74 -7.26
C GLY B 71 10.73 -9.96 -7.34
N ASN B 72 10.05 -9.80 -6.20
CA ASN B 72 8.79 -9.05 -6.17
C ASN B 72 9.02 -7.55 -6.05
N THR B 73 10.19 -7.12 -5.59
CA THR B 73 10.50 -5.71 -5.44
C THR B 73 12.01 -5.58 -5.35
N LYS B 74 12.48 -4.35 -5.20
CA LYS B 74 13.90 -4.06 -5.18
C LYS B 74 14.29 -3.33 -3.90
N MET B 75 15.55 -3.50 -3.50
CA MET B 75 16.17 -2.72 -2.45
C MET B 75 17.19 -1.79 -3.07
N GLU B 76 17.18 -0.53 -2.65
CA GLU B 76 18.10 0.47 -3.16
C GLU B 76 19.07 0.85 -2.04
N LEU B 77 20.34 0.51 -2.21
CA LEU B 77 21.40 0.90 -1.29
C LEU B 77 21.99 2.22 -1.76
N LEU B 78 21.81 3.26 -0.95
CA LEU B 78 22.20 4.62 -1.32
C LEU B 78 23.44 5.04 -0.55
N HIS B 79 24.31 5.79 -1.23
CA HIS B 79 25.50 6.37 -0.65
C HIS B 79 25.63 7.79 -1.18
N PRO B 80 26.04 8.74 -0.34
CA PRO B 80 26.13 10.13 -0.80
C PRO B 80 27.10 10.28 -1.96
N LEU B 81 26.76 11.18 -2.88
CA LEU B 81 27.63 11.53 -4.01
C LEU B 81 27.59 13.05 -4.14
N GLY B 82 28.61 13.70 -3.60
CA GLY B 82 28.64 15.14 -3.49
C GLY B 82 28.45 15.57 -2.04
N LEU B 83 28.98 16.76 -1.73
CA LEU B 83 28.98 17.21 -0.34
C LEU B 83 27.61 17.67 0.12
N ASP B 84 26.80 18.23 -0.78
CA ASP B 84 25.44 18.65 -0.45
C ASP B 84 24.43 17.54 -0.74
N SER B 85 24.81 16.29 -0.52
CA SER B 85 23.89 15.19 -0.79
C SER B 85 22.79 15.17 0.27
N PRO B 86 21.54 14.86 -0.13
CA PRO B 86 20.46 14.82 0.87
CA PRO B 86 20.46 14.82 0.87
C PRO B 86 20.67 13.78 1.94
N ILE B 87 21.18 12.59 1.57
CA ILE B 87 21.37 11.53 2.55
C ILE B 87 22.71 11.62 3.28
N ALA B 88 23.49 12.67 3.03
CA ALA B 88 24.74 12.84 3.77
C ALA B 88 24.47 13.15 5.23
N GLY B 89 23.49 14.03 5.49
CA GLY B 89 23.10 14.30 6.86
C GLY B 89 22.46 13.11 7.55
N PHE B 90 21.76 12.27 6.78
CA PHE B 90 21.15 11.07 7.35
C PHE B 90 22.21 10.12 7.89
N LEU B 91 23.27 9.90 7.12
CA LEU B 91 24.35 9.02 7.56
C LEU B 91 25.19 9.65 8.66
N GLN B 92 25.08 10.95 8.88
CA GLN B 92 25.76 11.57 10.02
C GLN B 92 25.03 11.29 11.33
N LYS B 93 23.69 11.20 11.30
CA LYS B 93 22.95 10.83 12.49
C LYS B 93 22.96 9.32 12.67
N ASN B 94 22.85 8.56 11.58
CA ASN B 94 22.88 7.10 11.61
C ASN B 94 24.17 6.67 10.92
N LYS B 95 25.26 6.63 11.69
CA LYS B 95 26.57 6.37 11.12
C LYS B 95 26.69 4.94 10.60
N ALA B 96 25.97 4.00 11.20
CA ALA B 96 25.98 2.62 10.74
C ALA B 96 25.01 2.38 9.59
N GLY B 97 24.24 3.38 9.20
CA GLY B 97 23.22 3.23 8.18
C GLY B 97 21.83 3.17 8.77
N GLY B 98 20.87 2.88 7.90
CA GLY B 98 19.49 2.77 8.33
C GLY B 98 18.53 2.91 7.17
N MET B 99 17.31 2.43 7.39
CA MET B 99 16.25 2.55 6.39
C MET B 99 15.91 4.02 6.16
N HIS B 100 15.83 4.41 4.90
CA HIS B 100 15.64 5.81 4.52
C HIS B 100 14.21 6.11 4.08
N HIS B 101 13.71 5.40 3.07
CA HIS B 101 12.36 5.67 2.56
C HIS B 101 11.87 4.47 1.77
N ILE B 102 10.56 4.46 1.51
CA ILE B 102 9.94 3.48 0.63
C ILE B 102 9.34 4.22 -0.56
N CYS B 103 9.15 3.48 -1.65
CA CYS B 103 8.64 4.04 -2.89
C CYS B 103 7.45 3.22 -3.37
N ILE B 104 6.30 3.86 -3.47
CA ILE B 104 5.07 3.22 -3.94
C ILE B 104 4.67 3.88 -5.24
N GLU B 105 4.25 3.06 -6.21
CA GLU B 105 3.87 3.58 -7.52
C GLU B 105 2.43 4.08 -7.50
N VAL B 106 2.18 5.11 -8.31
CA VAL B 106 0.84 5.64 -8.52
C VAL B 106 0.57 5.65 -10.02
N ASP B 107 -0.69 5.40 -10.39
CA ASP B 107 -1.04 5.33 -11.80
C ASP B 107 -0.89 6.67 -12.51
N ASN B 108 -1.04 7.78 -11.79
CA ASN B 108 -0.85 9.11 -12.36
C ASN B 108 -0.41 10.08 -11.29
N ILE B 109 0.81 10.61 -11.44
CA ILE B 109 1.41 11.46 -10.41
C ILE B 109 0.62 12.76 -10.26
N ASN B 110 0.08 13.29 -11.37
CA ASN B 110 -0.53 14.61 -11.33
C ASN B 110 -1.88 14.60 -10.61
N ALA B 111 -2.76 13.65 -10.95
CA ALA B 111 -4.01 13.53 -10.22
C ALA B 111 -3.77 13.21 -8.76
N ALA B 112 -2.69 12.47 -8.48
CA ALA B 112 -2.35 12.12 -7.11
C ALA B 112 -2.00 13.36 -6.29
N VAL B 113 -1.20 14.30 -6.82
CA VAL B 113 -0.77 15.42 -5.99
C VAL B 113 -1.97 16.31 -5.70
N MET B 114 -2.83 16.45 -6.70
CA MET B 114 -4.03 17.27 -6.60
C MET B 114 -5.04 16.66 -5.65
N ASP B 115 -5.08 15.34 -5.56
CA ASP B 115 -5.95 14.69 -4.59
C ASP B 115 -5.34 14.77 -3.19
N LEU B 116 -4.01 14.82 -3.11
CA LEU B 116 -3.33 15.02 -1.83
C LEU B 116 -3.39 16.47 -1.38
N LYS B 117 -3.23 17.41 -2.31
CA LYS B 117 -3.38 18.82 -1.96
C LYS B 117 -4.81 19.14 -1.55
N LYS B 118 -5.78 18.56 -2.27
CA LYS B 118 -7.19 18.74 -1.92
C LYS B 118 -7.50 18.12 -0.56
N LYS B 119 -6.81 17.04 -0.19
CA LYS B 119 -6.97 16.41 1.12
C LYS B 119 -6.14 17.10 2.20
N LYS B 120 -5.53 18.25 1.89
CA LYS B 120 -4.77 19.04 2.85
C LYS B 120 -3.62 18.23 3.45
N ILE B 121 -2.92 17.49 2.60
CA ILE B 121 -1.76 16.71 3.04
C ILE B 121 -0.47 17.41 2.64
N LEU B 124 6.56 17.20 1.61
CA LEU B 124 7.88 17.77 1.84
C LEU B 124 8.44 18.39 0.56
N SER B 125 8.30 17.68 -0.55
CA SER B 125 8.81 18.14 -1.84
C SER B 125 7.82 19.08 -2.50
N GLU B 126 8.32 20.20 -3.01
CA GLU B 126 7.48 21.18 -3.69
C GLU B 126 7.09 20.70 -5.08
N VAL B 128 6.63 18.33 -7.79
CA VAL B 128 6.87 17.20 -8.68
C VAL B 128 8.20 17.36 -9.41
N LYS B 129 9.08 16.39 -9.25
CA LYS B 129 10.39 16.41 -9.88
C LYS B 129 10.67 15.05 -10.50
N ILE B 130 11.56 15.03 -11.50
CA ILE B 130 11.97 13.78 -12.11
C ILE B 130 12.81 12.97 -11.12
N GLY B 131 12.43 11.71 -10.91
CA GLY B 131 13.08 10.87 -9.93
C GLY B 131 14.30 10.16 -10.50
N ALA B 132 14.86 9.28 -9.66
CA ALA B 132 16.07 8.55 -10.03
C ALA B 132 15.83 7.49 -11.09
N HIS B 133 14.58 7.23 -11.46
CA HIS B 133 14.25 6.29 -12.52
C HIS B 133 13.73 6.98 -13.77
N GLY B 134 13.95 8.29 -13.89
CA GLY B 134 13.48 9.04 -15.03
C GLY B 134 12.02 9.41 -15.00
N LYS B 135 11.27 8.97 -13.98
CA LYS B 135 9.85 9.24 -13.85
C LYS B 135 9.59 10.29 -12.77
N PRO B 136 8.50 11.04 -12.88
CA PRO B 136 8.23 12.08 -11.88
C PRO B 136 7.88 11.48 -10.53
N VAL B 137 8.38 12.12 -9.48
CA VAL B 137 8.20 11.65 -8.10
C VAL B 137 7.88 12.83 -7.19
N ILE B 138 7.30 12.51 -6.04
CA ILE B 138 7.17 13.45 -4.92
C ILE B 138 7.44 12.69 -3.64
N PHE B 139 7.75 13.46 -2.59
CA PHE B 139 8.06 12.90 -1.28
C PHE B 139 7.09 13.46 -0.26
N LEU B 140 6.51 12.58 0.56
CA LEU B 140 5.60 12.98 1.62
C LEU B 140 6.37 13.07 2.92
N HIS B 141 5.99 14.01 3.76
CA HIS B 141 6.69 14.21 5.03
C HIS B 141 6.40 13.04 5.97
N PRO B 142 7.41 12.51 6.64
CA PRO B 142 7.20 11.33 7.49
C PRO B 142 6.21 11.54 8.63
N LYS B 143 5.97 12.79 9.03
CA LYS B 143 5.02 13.06 10.10
C LYS B 143 3.62 12.55 9.74
N ASP B 144 3.18 12.81 8.51
CA ASP B 144 1.86 12.37 8.07
C ASP B 144 1.83 10.91 7.62
N CYS B 145 2.98 10.23 7.57
CA CYS B 145 3.05 8.86 7.11
C CYS B 145 3.35 7.87 8.23
N GLY B 146 3.45 8.31 9.47
CA GLY B 146 3.77 7.43 10.57
C GLY B 146 5.25 7.31 10.89
N GLY B 147 6.06 8.26 10.44
CA GLY B 147 7.49 8.24 10.69
C GLY B 147 8.34 7.84 9.51
N VAL B 148 7.73 7.32 8.45
CA VAL B 148 8.45 6.84 7.28
C VAL B 148 8.35 7.88 6.17
N LEU B 149 9.50 8.25 5.60
CA LEU B 149 9.51 9.06 4.39
C LEU B 149 8.96 8.23 3.23
N VAL B 150 7.90 8.71 2.60
CA VAL B 150 7.22 8.00 1.53
C VAL B 150 7.39 8.77 0.24
N GLU B 151 7.92 8.10 -0.78
CA GLU B 151 8.09 8.66 -2.12
C GLU B 151 7.07 8.02 -3.04
N LEU B 152 6.29 8.84 -3.73
CA LEU B 152 5.33 8.37 -4.72
C LEU B 152 5.89 8.60 -6.11
N GLU B 153 5.94 7.55 -6.92
CA GLU B 153 6.54 7.60 -8.23
C GLU B 153 5.52 7.18 -9.29
N GLN B 154 5.53 7.88 -10.42
CA GLN B 154 4.61 7.58 -11.51
C GLN B 154 4.85 6.17 -12.03
N ALA B 155 3.79 5.36 -12.05
CA ALA B 155 3.89 3.99 -12.54
C ALA B 155 4.04 3.97 -14.06
N MET C 23 -28.84 16.11 32.82
CA MET C 23 -27.43 15.90 32.45
C MET C 23 -27.14 16.45 31.06
N LEU C 24 -28.19 16.87 30.36
CA LEU C 24 -28.02 17.40 29.02
C LEU C 24 -27.37 18.78 29.06
N GLY C 25 -26.49 19.04 28.11
CA GLY C 25 -25.86 20.35 28.07
C GLY C 25 -26.14 21.08 26.78
N ARG C 26 -25.29 22.02 26.41
CA ARG C 26 -25.49 22.78 25.18
C ARG C 26 -25.12 21.99 23.93
N LEU C 27 -25.71 22.39 22.82
CA LEU C 27 -25.47 21.78 21.52
C LEU C 27 -24.07 22.06 20.99
N ASN C 28 -23.30 21.00 20.75
CA ASN C 28 -21.93 21.16 20.30
C ASN C 28 -21.85 21.56 18.83
N HIS C 29 -22.57 20.86 17.94
CA HIS C 29 -22.56 21.21 16.53
C HIS C 29 -23.76 20.57 15.84
N VAL C 30 -24.05 21.07 14.65
CA VAL C 30 -24.99 20.46 13.71
C VAL C 30 -24.20 20.04 12.49
N ALA C 31 -24.38 18.80 12.06
CA ALA C 31 -23.59 18.21 10.98
C ALA C 31 -24.40 18.19 9.69
N ILE C 32 -23.74 18.55 8.59
CA ILE C 32 -24.35 18.58 7.26
C ILE C 32 -23.45 17.79 6.33
N ALA C 33 -24.00 16.76 5.69
CA ALA C 33 -23.27 16.03 4.66
C ALA C 33 -23.42 16.77 3.34
N VAL C 34 -22.30 17.15 2.73
CA VAL C 34 -22.32 17.96 1.52
C VAL C 34 -21.67 17.21 0.37
N PRO C 35 -22.15 17.38 -0.87
CA PRO C 35 -21.52 16.71 -2.01
C PRO C 35 -20.22 17.36 -2.47
N ASP C 36 -19.94 18.59 -2.03
CA ASP C 36 -18.64 19.23 -2.31
C ASP C 36 -18.30 20.09 -1.10
N LEU C 37 -17.19 19.74 -0.44
CA LEU C 37 -16.77 20.50 0.72
C LEU C 37 -16.37 21.92 0.36
N GLU C 38 -15.59 22.07 -0.73
CA GLU C 38 -15.04 23.36 -1.11
C GLU C 38 -16.15 24.36 -1.46
N LYS C 39 -17.10 23.94 -2.29
CA LYS C 39 -18.18 24.85 -2.68
C LYS C 39 -19.11 25.14 -1.52
N ALA C 40 -19.25 24.20 -0.58
CA ALA C 40 -20.07 24.45 0.60
C ALA C 40 -19.38 25.45 1.53
N ALA C 41 -18.10 25.21 1.83
CA ALA C 41 -17.38 26.12 2.72
C ALA C 41 -17.30 27.52 2.13
N ALA C 42 -17.12 27.62 0.81
CA ALA C 42 -17.03 28.92 0.17
C ALA C 42 -18.35 29.66 0.19
N PHE C 43 -19.48 28.95 0.12
CA PHE C 43 -20.77 29.61 0.19
C PHE C 43 -20.96 30.29 1.53
N TYR C 44 -20.80 29.54 2.62
CA TYR C 44 -20.97 30.12 3.94
C TYR C 44 -19.93 31.20 4.21
N LYS C 45 -18.73 31.06 3.65
CA LYS C 45 -17.68 32.05 3.90
C LYS C 45 -17.88 33.30 3.05
N ASN C 46 -18.10 33.14 1.74
CA ASN C 46 -18.06 34.26 0.82
C ASN C 46 -19.44 34.82 0.48
N ILE C 47 -20.50 34.05 0.66
CA ILE C 47 -21.86 34.51 0.38
C ILE C 47 -22.56 34.99 1.65
N LEU C 48 -22.48 34.20 2.73
CA LEU C 48 -23.13 34.54 3.98
C LEU C 48 -22.20 35.25 4.97
N GLY C 49 -20.90 35.23 4.74
CA GLY C 49 -20.00 35.95 5.63
C GLY C 49 -19.75 35.32 6.99
N ALA C 50 -19.81 34.00 7.08
CA ALA C 50 -19.42 33.34 8.32
C ALA C 50 -17.91 33.12 8.32
N GLN C 51 -17.31 33.01 9.51
CA GLN C 51 -15.90 32.62 9.57
C GLN C 51 -15.85 31.11 9.49
N VAL C 52 -15.18 30.62 8.48
CA VAL C 52 -15.15 29.22 8.11
C VAL C 52 -13.71 28.76 8.24
N SER C 53 -13.53 27.55 8.75
CA SER C 53 -12.20 27.02 8.91
C SER C 53 -11.76 26.34 7.62
N GLU C 54 -10.50 25.92 7.59
CA GLU C 54 -10.00 25.15 6.47
C GLU C 54 -10.41 23.69 6.61
N ALA C 55 -10.49 23.00 5.47
CA ALA C 55 -10.85 21.59 5.49
C ALA C 55 -9.84 20.79 6.30
N VAL C 56 -10.34 20.04 7.28
CA VAL C 56 -9.51 19.19 8.12
C VAL C 56 -9.83 17.74 7.76
N PRO C 57 -8.86 16.97 7.28
CA PRO C 57 -9.11 15.56 6.99
C PRO C 57 -9.02 14.72 8.26
N LEU C 58 -9.98 13.80 8.41
CA LEU C 58 -10.04 12.91 9.56
C LEU C 58 -10.18 11.48 9.06
N PRO C 59 -9.06 10.87 8.66
CA PRO C 59 -9.14 9.52 8.08
C PRO C 59 -9.65 8.47 9.05
N GLU C 60 -9.36 8.60 10.34
CA GLU C 60 -9.83 7.63 11.32
C GLU C 60 -11.36 7.60 11.41
N HIS C 61 -12.02 8.66 10.97
CA HIS C 61 -13.48 8.71 10.92
C HIS C 61 -14.02 8.71 9.51
N GLY C 62 -13.15 8.66 8.50
CA GLY C 62 -13.59 8.56 7.12
C GLY C 62 -14.31 9.78 6.58
N VAL C 63 -14.02 10.97 7.10
CA VAL C 63 -14.64 12.20 6.62
C VAL C 63 -13.61 13.32 6.63
N SER C 64 -13.85 14.31 5.77
CA SER C 64 -13.22 15.62 5.86
C SER C 64 -14.25 16.61 6.39
N VAL C 65 -13.82 17.47 7.30
CA VAL C 65 -14.73 18.36 8.03
C VAL C 65 -14.31 19.81 7.78
N VAL C 66 -15.31 20.68 7.61
CA VAL C 66 -15.13 22.11 7.58
C VAL C 66 -16.01 22.71 8.68
N PHE C 67 -15.41 23.49 9.57
CA PHE C 67 -16.11 24.06 10.71
C PHE C 67 -16.58 25.47 10.38
N VAL C 68 -17.89 25.69 10.49
CA VAL C 68 -18.50 27.00 10.35
C VAL C 68 -18.82 27.51 11.74
N ASN C 69 -18.12 28.56 12.18
CA ASN C 69 -18.26 29.08 13.53
C ASN C 69 -19.34 30.16 13.55
N LEU C 70 -20.44 29.88 14.23
CA LEU C 70 -21.53 30.85 14.40
C LEU C 70 -21.49 31.53 15.76
N GLY C 71 -20.40 31.39 16.50
CA GLY C 71 -20.28 32.03 17.80
C GLY C 71 -20.79 31.19 18.95
N ASN C 72 -22.09 30.93 18.98
CA ASN C 72 -22.68 30.13 20.05
C ASN C 72 -22.56 28.64 19.78
N THR C 73 -22.35 28.24 18.53
CA THR C 73 -22.21 26.84 18.19
C THR C 73 -21.54 26.75 16.82
N LYS C 74 -21.33 25.53 16.34
CA LYS C 74 -20.64 25.30 15.09
C LYS C 74 -21.50 24.46 14.15
N MET C 75 -21.26 24.64 12.86
CA MET C 75 -21.78 23.76 11.82
C MET C 75 -20.61 22.97 11.27
N GLU C 76 -20.80 21.67 11.09
CA GLU C 76 -19.77 20.78 10.57
C GLU C 76 -20.22 20.33 9.19
N LEU C 77 -19.51 20.76 8.15
CA LEU C 77 -19.74 20.30 6.80
C LEU C 77 -18.85 19.09 6.56
N LEU C 78 -19.47 17.92 6.39
CA LEU C 78 -18.74 16.66 6.27
C LEU C 78 -18.82 16.15 4.83
N HIS C 79 -17.72 15.57 4.37
CA HIS C 79 -17.63 14.96 3.05
C HIS C 79 -16.88 13.65 3.19
N PRO C 80 -17.29 12.61 2.46
CA PRO C 80 -16.65 11.30 2.61
C PRO C 80 -15.15 11.36 2.31
N LEU C 81 -14.39 10.57 3.07
CA LEU C 81 -12.95 10.44 2.87
C LEU C 81 -12.63 8.95 2.97
N GLY C 82 -12.52 8.29 1.82
CA GLY C 82 -12.41 6.85 1.79
C GLY C 82 -13.68 6.20 1.28
N LEU C 83 -13.53 4.99 0.75
CA LEU C 83 -14.66 4.31 0.12
C LEU C 83 -15.65 3.78 1.15
N ASP C 84 -15.16 3.39 2.33
CA ASP C 84 -16.03 2.90 3.41
C ASP C 84 -16.45 4.02 4.36
N SER C 85 -16.70 5.21 3.84
CA SER C 85 -17.09 6.32 4.70
C SER C 85 -18.51 6.10 5.24
N PRO C 86 -18.77 6.51 6.49
CA PRO C 86 -20.12 6.29 7.04
C PRO C 86 -21.19 7.15 6.39
N ILE C 87 -20.86 8.38 5.99
CA ILE C 87 -21.83 9.30 5.40
C ILE C 87 -21.87 9.10 3.89
N ALA C 88 -21.14 8.11 3.39
CA ALA C 88 -21.16 7.84 1.95
C ALA C 88 -22.53 7.33 1.50
N GLY C 89 -23.14 6.44 2.28
CA GLY C 89 -24.49 6.00 1.97
C GLY C 89 -25.52 7.10 2.07
N PHE C 90 -25.32 8.04 2.99
CA PHE C 90 -26.24 9.16 3.13
C PHE C 90 -26.26 10.02 1.88
N LEU C 91 -25.08 10.33 1.34
CA LEU C 91 -25.00 11.17 0.15
C LEU C 91 -25.44 10.44 -1.11
N GLN C 92 -25.55 9.10 -1.06
CA GLN C 92 -26.11 8.37 -2.19
C GLN C 92 -27.63 8.51 -2.24
N LYS C 93 -28.28 8.61 -1.08
CA LYS C 93 -29.72 8.84 -1.04
C LYS C 93 -30.05 10.32 -1.22
N ASN C 94 -29.26 11.20 -0.61
CA ASN C 94 -29.43 12.65 -0.70
C ASN C 94 -28.25 13.22 -1.50
N LYS C 95 -28.40 13.24 -2.82
CA LYS C 95 -27.29 13.65 -3.68
C LYS C 95 -26.94 15.13 -3.51
N ALA C 96 -27.93 15.96 -3.18
CA ALA C 96 -27.68 17.38 -2.96
C ALA C 96 -27.17 17.69 -1.57
N GLY C 97 -27.09 16.70 -0.69
CA GLY C 97 -26.71 16.93 0.68
C GLY C 97 -27.90 16.87 1.61
N GLY C 98 -27.65 17.23 2.86
CA GLY C 98 -28.72 17.25 3.84
C GLY C 98 -28.18 17.20 5.25
N MET C 99 -29.03 17.62 6.19
CA MET C 99 -28.69 17.55 7.60
C MET C 99 -28.50 16.10 8.02
N HIS C 100 -27.40 15.83 8.72
CA HIS C 100 -27.03 14.46 9.08
C HIS C 100 -27.33 14.15 10.54
N HIS C 101 -26.80 14.94 11.47
CA HIS C 101 -26.99 14.68 12.88
C HIS C 101 -26.71 15.95 13.68
N ILE C 102 -27.13 15.94 14.93
CA ILE C 102 -26.80 16.98 15.89
C ILE C 102 -25.96 16.35 17.00
N CYS C 103 -25.20 17.19 17.69
CA CYS C 103 -24.32 16.73 18.77
C CYS C 103 -24.60 17.57 20.00
N ILE C 104 -25.04 16.91 21.07
CA ILE C 104 -25.32 17.56 22.35
C ILE C 104 -24.37 17.01 23.39
N GLU C 105 -23.83 17.89 24.22
CA GLU C 105 -22.88 17.51 25.25
C GLU C 105 -23.59 17.00 26.50
N VAL C 106 -22.92 16.06 27.19
CA VAL C 106 -23.38 15.55 28.48
C VAL C 106 -22.25 15.71 29.49
N ASP C 107 -22.63 15.96 30.75
CA ASP C 107 -21.63 16.17 31.80
C ASP C 107 -20.81 14.92 32.09
N ASN C 108 -21.40 13.74 31.89
CA ASN C 108 -20.68 12.48 32.09
C ASN C 108 -21.29 11.43 31.18
N ILE C 109 -20.51 10.98 30.20
CA ILE C 109 -21.03 10.09 29.17
C ILE C 109 -21.37 8.72 29.75
N ASN C 110 -20.63 8.26 30.76
CA ASN C 110 -20.80 6.90 31.27
C ASN C 110 -22.10 6.76 32.04
N ALA C 111 -22.39 7.71 32.94
CA ALA C 111 -23.67 7.70 33.63
C ALA C 111 -24.82 7.88 32.67
N ALA C 112 -24.61 8.64 31.59
CA ALA C 112 -25.65 8.82 30.58
C ALA C 112 -25.99 7.50 29.91
N VAL C 113 -24.97 6.74 29.52
CA VAL C 113 -25.22 5.48 28.82
C VAL C 113 -25.85 4.47 29.77
N MET C 114 -25.43 4.45 31.03
CA MET C 114 -26.03 3.53 31.99
C MET C 114 -27.45 3.93 32.33
N ASP C 115 -27.75 5.23 32.30
CA ASP C 115 -29.12 5.68 32.54
C ASP C 115 -30.00 5.45 31.32
N LEU C 116 -29.41 5.45 30.13
CA LEU C 116 -30.17 5.14 28.92
C LEU C 116 -30.47 3.65 28.82
N LYS C 117 -29.51 2.80 29.20
CA LYS C 117 -29.75 1.36 29.22
C LYS C 117 -30.83 1.00 30.22
N LYS C 118 -30.84 1.67 31.38
CA LYS C 118 -31.89 1.44 32.37
C LYS C 118 -33.26 1.81 31.82
N LYS C 119 -33.34 2.83 30.97
CA LYS C 119 -34.59 3.23 30.35
C LYS C 119 -34.93 2.43 29.10
N LYS C 120 -34.16 1.39 28.79
CA LYS C 120 -34.44 0.51 27.65
C LYS C 120 -34.47 1.28 26.33
N ILE C 121 -33.50 2.17 26.14
CA ILE C 121 -33.38 2.95 24.91
C ILE C 121 -32.27 2.34 24.06
N CYS C 122 -32.61 1.97 22.83
CA CYS C 122 -31.66 1.35 21.94
C CYS C 122 -30.78 2.41 21.28
N SER C 123 -29.47 2.16 21.28
CA SER C 123 -28.50 3.05 20.67
C SER C 123 -27.73 2.30 19.59
N LEU C 124 -27.16 3.06 18.66
CA LEU C 124 -26.38 2.50 17.56
C LEU C 124 -25.09 1.88 18.09
N GLU C 127 -22.71 1.92 21.23
CA GLU C 127 -21.34 1.56 21.58
C GLU C 127 -20.49 2.80 21.80
N VAL C 128 -19.91 2.94 23.00
CA VAL C 128 -19.10 4.09 23.32
C VAL C 128 -17.80 4.03 22.52
N LYS C 129 -17.55 5.05 21.72
CA LYS C 129 -16.35 5.13 20.90
C LYS C 129 -15.77 6.53 20.99
N ILE C 130 -14.47 6.64 20.71
CA ILE C 130 -13.82 7.94 20.67
C ILE C 130 -14.34 8.71 19.46
N GLY C 131 -14.80 9.93 19.69
CA GLY C 131 -15.41 10.74 18.65
C GLY C 131 -14.40 11.54 17.85
N ALA C 132 -14.93 12.38 16.97
CA ALA C 132 -14.10 13.19 16.09
C ALA C 132 -13.37 14.30 16.81
N HIS C 133 -13.67 14.54 18.09
CA HIS C 133 -12.95 15.51 18.90
C HIS C 133 -12.07 14.85 19.96
N GLY C 134 -11.81 13.55 19.80
CA GLY C 134 -10.99 12.81 20.73
C GLY C 134 -11.69 12.38 22.01
N LYS C 135 -12.95 12.76 22.21
CA LYS C 135 -13.70 12.43 23.42
C LYS C 135 -14.76 11.37 23.11
N PRO C 136 -15.15 10.57 24.12
CA PRO C 136 -16.10 9.48 23.85
C PRO C 136 -17.48 10.00 23.46
N VAL C 137 -18.10 9.30 22.50
CA VAL C 137 -19.42 9.66 22.00
C VAL C 137 -20.26 8.39 21.88
N ILE C 138 -21.58 8.58 21.81
CA ILE C 138 -22.53 7.54 21.44
C ILE C 138 -23.59 8.18 20.56
N PHE C 139 -24.31 7.33 19.83
CA PHE C 139 -25.35 7.79 18.92
C PHE C 139 -26.68 7.13 19.30
N LEU C 140 -27.72 7.95 19.37
CA LEU C 140 -29.07 7.47 19.63
C LEU C 140 -29.80 7.30 18.32
N HIS C 141 -30.67 6.29 18.25
CA HIS C 141 -31.37 6.01 16.99
C HIS C 141 -32.39 7.11 16.71
N PRO C 142 -32.46 7.62 15.47
CA PRO C 142 -33.38 8.73 15.18
C PRO C 142 -34.84 8.38 15.41
N LYS C 143 -35.20 7.10 15.43
CA LYS C 143 -36.60 6.75 15.68
C LYS C 143 -37.06 7.24 17.05
N ASP C 144 -36.21 7.09 18.07
CA ASP C 144 -36.56 7.53 19.42
C ASP C 144 -36.33 9.03 19.63
N CYS C 145 -35.73 9.73 18.66
CA CYS C 145 -35.44 11.15 18.81
C CYS C 145 -36.32 12.04 17.93
N GLY C 146 -37.28 11.46 17.21
CA GLY C 146 -38.12 12.24 16.33
C GLY C 146 -37.63 12.33 14.91
N GLY C 147 -36.73 11.45 14.49
CA GLY C 147 -36.19 11.46 13.14
C GLY C 147 -34.79 11.99 13.02
N VAL C 148 -34.24 12.60 14.06
CA VAL C 148 -32.90 13.20 14.02
C VAL C 148 -31.92 12.25 14.69
N LEU C 149 -30.83 11.96 13.98
CA LEU C 149 -29.71 11.23 14.59
C LEU C 149 -29.06 12.14 15.63
N VAL C 150 -29.03 11.69 16.88
CA VAL C 150 -28.52 12.49 18.00
C VAL C 150 -27.25 11.84 18.53
N GLU C 151 -26.18 12.62 18.59
CA GLU C 151 -24.90 12.18 19.15
C GLU C 151 -24.68 12.85 20.50
N LEU C 152 -24.38 12.04 21.51
CA LEU C 152 -24.06 12.54 22.84
C LEU C 152 -22.55 12.47 23.04
N GLU C 153 -21.95 13.60 23.38
CA GLU C 153 -20.50 13.70 23.53
C GLU C 153 -20.15 14.20 24.92
N GLN C 154 -19.12 13.61 25.51
CA GLN C 154 -18.66 14.01 26.84
C GLN C 154 -18.21 15.46 26.84
N ALA C 155 -18.80 16.26 27.72
CA ALA C 155 -18.44 17.68 27.83
C ALA C 155 -17.06 17.84 28.46
N SER D 22 -10.37 -11.80 1.36
CA SER D 22 -10.30 -12.10 -0.06
C SER D 22 -8.85 -12.16 -0.55
N MET D 23 -8.59 -13.00 -1.55
CA MET D 23 -7.27 -13.16 -2.11
C MET D 23 -7.10 -12.44 -3.45
N LEU D 24 -8.20 -11.98 -4.05
CA LEU D 24 -8.13 -11.34 -5.37
C LEU D 24 -7.47 -9.97 -5.28
N GLY D 25 -6.69 -9.64 -6.30
CA GLY D 25 -6.00 -8.36 -6.34
C GLY D 25 -6.34 -7.52 -7.56
N ARG D 26 -5.39 -6.67 -7.96
CA ARG D 26 -5.56 -5.77 -9.08
C ARG D 26 -5.45 -6.49 -10.41
N LEU D 27 -6.07 -5.90 -11.44
CA LEU D 27 -5.93 -6.40 -12.80
C LEU D 27 -4.52 -6.14 -13.30
N ASN D 28 -3.79 -7.21 -13.62
CA ASN D 28 -2.40 -7.04 -14.04
C ASN D 28 -2.30 -6.55 -15.48
N HIS D 29 -3.03 -7.19 -16.40
CA HIS D 29 -2.98 -6.76 -17.79
C HIS D 29 -4.18 -7.32 -18.55
N VAL D 30 -4.42 -6.74 -19.72
CA VAL D 30 -5.36 -7.25 -20.71
C VAL D 30 -4.56 -7.66 -21.94
N ALA D 31 -4.79 -8.87 -22.43
CA ALA D 31 -4.01 -9.41 -23.54
C ALA D 31 -4.82 -9.35 -24.83
N ILE D 32 -4.16 -8.93 -25.90
CA ILE D 32 -4.77 -8.83 -27.24
C ILE D 32 -3.85 -9.53 -28.23
N ALA D 33 -4.38 -10.52 -28.93
CA ALA D 33 -3.63 -11.16 -30.01
C ALA D 33 -3.73 -10.30 -31.27
N VAL D 34 -2.59 -9.92 -31.82
CA VAL D 34 -2.58 -9.02 -32.97
C VAL D 34 -1.93 -9.72 -34.16
N PRO D 35 -2.43 -9.48 -35.39
CA PRO D 35 -1.83 -10.13 -36.57
C PRO D 35 -0.51 -9.50 -37.01
N ASP D 36 -0.17 -8.30 -36.55
CA ASP D 36 1.12 -7.69 -36.83
C ASP D 36 1.55 -6.90 -35.61
N LEU D 37 2.66 -7.31 -35.01
CA LEU D 37 3.13 -6.66 -33.79
C LEU D 37 3.56 -5.22 -34.03
N GLU D 38 4.31 -4.97 -35.11
CA GLU D 38 4.91 -3.66 -35.30
C GLU D 38 3.86 -2.57 -35.50
N LYS D 39 3.00 -2.71 -36.50
CA LYS D 39 1.98 -1.69 -36.72
C LYS D 39 0.88 -1.70 -35.66
N ALA D 40 0.68 -2.81 -34.96
CA ALA D 40 -0.22 -2.77 -33.80
C ALA D 40 0.39 -1.93 -32.69
N ALA D 41 1.66 -2.18 -32.35
CA ALA D 41 2.33 -1.37 -31.33
C ALA D 41 2.47 0.08 -31.77
N ALA D 42 2.70 0.30 -33.06
CA ALA D 42 2.86 1.65 -33.57
C ALA D 42 1.56 2.44 -33.48
N PHE D 43 0.41 1.76 -33.58
CA PHE D 43 -0.86 2.45 -33.46
C PHE D 43 -1.01 3.07 -32.08
N TYR D 44 -0.81 2.28 -31.02
CA TYR D 44 -0.92 2.82 -29.68
C TYR D 44 0.15 3.87 -29.40
N LYS D 45 1.32 3.72 -30.02
CA LYS D 45 2.39 4.69 -29.82
C LYS D 45 2.16 5.97 -30.59
N ASN D 46 1.88 5.86 -31.90
CA ASN D 46 1.86 7.03 -32.77
C ASN D 46 0.48 7.60 -33.02
N ILE D 47 -0.58 6.84 -32.82
CA ILE D 47 -1.93 7.34 -33.00
C ILE D 47 -2.58 7.73 -31.68
N LEU D 48 -2.45 6.88 -30.66
CA LEU D 48 -3.04 7.16 -29.37
C LEU D 48 -2.06 7.81 -28.39
N GLY D 49 -0.77 7.85 -28.73
CA GLY D 49 0.20 8.49 -27.88
C GLY D 49 0.50 7.74 -26.59
N ALA D 50 0.43 6.42 -26.62
CA ALA D 50 0.70 5.59 -25.45
C ALA D 50 2.18 5.30 -25.29
N GLN D 51 2.56 4.97 -24.08
CA GLN D 51 3.91 4.54 -23.74
C GLN D 51 4.01 3.05 -24.04
N VAL D 52 4.76 2.71 -25.07
CA VAL D 52 4.84 1.33 -25.58
C VAL D 52 6.29 0.87 -25.54
N SER D 53 6.47 -0.39 -25.15
CA SER D 53 7.78 -1.01 -25.08
C SER D 53 8.18 -1.63 -26.42
N GLU D 54 9.43 -2.10 -26.49
CA GLU D 54 9.91 -2.81 -27.66
C GLU D 54 9.45 -4.25 -27.63
N ALA D 55 9.37 -4.86 -28.82
CA ALA D 55 8.96 -6.25 -28.93
C ALA D 55 9.93 -7.15 -28.17
N VAL D 56 9.39 -7.94 -27.25
CA VAL D 56 10.16 -8.89 -26.43
C VAL D 56 9.81 -10.28 -26.87
N PRO D 57 10.76 -11.09 -27.37
CA PRO D 57 10.47 -12.48 -27.71
C PRO D 57 10.50 -13.36 -26.47
N LEU D 58 9.51 -14.24 -26.37
CA LEU D 58 9.40 -15.20 -25.27
C LEU D 58 9.20 -16.59 -25.84
N PRO D 59 10.27 -17.27 -26.25
CA PRO D 59 10.12 -18.59 -26.87
C PRO D 59 9.51 -19.63 -25.97
N GLU D 60 9.81 -19.58 -24.67
CA GLU D 60 9.24 -20.55 -23.75
C GLU D 60 7.72 -20.45 -23.66
N HIS D 61 7.15 -19.31 -24.03
CA HIS D 61 5.71 -19.14 -24.08
C HIS D 61 5.18 -19.02 -25.50
N GLY D 62 6.05 -19.07 -26.50
CA GLY D 62 5.62 -19.09 -27.89
C GLY D 62 4.97 -17.82 -28.38
N VAL D 63 5.30 -16.67 -27.79
CA VAL D 63 4.74 -15.40 -28.22
C VAL D 63 5.80 -14.32 -28.14
N SER D 64 5.62 -13.27 -28.95
CA SER D 64 6.31 -12.00 -28.78
C SER D 64 5.31 -11.00 -28.23
N VAL D 65 5.73 -10.22 -27.24
CA VAL D 65 4.84 -9.34 -26.50
C VAL D 65 5.35 -7.91 -26.60
N VAL D 66 4.41 -6.97 -26.72
CA VAL D 66 4.67 -5.54 -26.60
C VAL D 66 3.81 -5.01 -25.47
N PHE D 67 4.43 -4.34 -24.51
CA PHE D 67 3.73 -3.85 -23.33
C PHE D 67 3.30 -2.40 -23.55
N VAL D 68 2.00 -2.16 -23.43
CA VAL D 68 1.43 -0.82 -23.49
C VAL D 68 1.12 -0.39 -22.06
N ASN D 69 1.82 0.63 -21.58
CA ASN D 69 1.69 1.07 -20.20
C ASN D 69 0.63 2.16 -20.11
N LEU D 70 -0.49 1.85 -19.49
CA LEU D 70 -1.56 2.80 -19.29
C LEU D 70 -1.58 3.39 -17.88
N GLY D 71 -0.53 3.18 -17.10
CA GLY D 71 -0.46 3.74 -15.77
C GLY D 71 -1.01 2.83 -14.69
N ASN D 72 -2.34 2.61 -14.71
CA ASN D 72 -2.96 1.75 -13.70
C ASN D 72 -2.86 0.28 -14.04
N THR D 73 -2.61 -0.06 -15.30
CA THR D 73 -2.48 -1.43 -15.76
C THR D 73 -1.75 -1.42 -17.09
N LYS D 74 -1.55 -2.59 -17.65
CA LYS D 74 -0.82 -2.74 -18.90
C LYS D 74 -1.69 -3.47 -19.92
N MET D 75 -1.41 -3.20 -21.20
CA MET D 75 -1.96 -3.96 -22.30
C MET D 75 -0.83 -4.78 -22.91
N GLU D 76 -1.10 -6.06 -23.17
CA GLU D 76 -0.11 -6.95 -23.75
C GLU D 76 -0.57 -7.30 -25.16
N LEU D 77 0.18 -6.84 -26.16
CA LEU D 77 -0.06 -7.19 -27.55
C LEU D 77 0.76 -8.43 -27.87
N LEU D 78 0.08 -9.53 -28.15
CA LEU D 78 0.73 -10.82 -28.35
C LEU D 78 0.71 -11.19 -29.82
N HIS D 79 1.80 -11.79 -30.28
CA HIS D 79 1.94 -12.29 -31.64
C HIS D 79 2.62 -13.65 -31.54
N PRO D 80 2.20 -14.62 -32.35
CA PRO D 80 2.79 -15.96 -32.24
C PRO D 80 4.30 -15.92 -32.46
N LEU D 81 5.01 -16.77 -31.72
CA LEU D 81 6.45 -16.93 -31.87
C LEU D 81 6.71 -18.42 -31.86
N GLY D 82 6.87 -18.98 -33.05
CA GLY D 82 6.91 -20.40 -33.33
C GLY D 82 5.62 -20.81 -34.03
N LEU D 83 5.72 -21.87 -34.84
CA LEU D 83 4.58 -22.23 -35.68
C LEU D 83 3.49 -22.94 -34.90
N ASP D 84 3.85 -23.67 -33.84
CA ASP D 84 2.87 -24.32 -32.96
C ASP D 84 2.52 -23.45 -31.75
N SER D 85 2.39 -22.14 -31.95
CA SER D 85 2.11 -21.23 -30.86
C SER D 85 0.67 -21.43 -30.34
N PRO D 86 0.43 -21.19 -29.05
CA PRO D 86 -0.93 -21.35 -28.54
C PRO D 86 -1.93 -20.34 -29.09
N ILE D 87 -1.51 -19.10 -29.28
CA ILE D 87 -2.43 -18.06 -29.77
C ILE D 87 -2.48 -18.09 -31.29
N ALA D 88 -1.81 -19.08 -31.90
CA ALA D 88 -1.86 -19.22 -33.36
C ALA D 88 -3.25 -19.63 -33.82
N GLY D 89 -3.90 -20.56 -33.11
CA GLY D 89 -5.25 -20.93 -33.45
C GLY D 89 -6.25 -19.81 -33.25
N PHE D 90 -6.01 -18.94 -32.26
CA PHE D 90 -6.90 -17.80 -32.05
C PHE D 90 -6.84 -16.84 -33.23
N LEU D 91 -5.63 -16.54 -33.71
CA LEU D 91 -5.49 -15.62 -34.83
C LEU D 91 -5.94 -16.23 -36.15
N GLN D 92 -6.11 -17.55 -36.21
CA GLN D 92 -6.69 -18.18 -37.39
C GLN D 92 -8.21 -17.99 -37.41
N LYS D 93 -8.85 -17.97 -36.25
CA LYS D 93 -10.28 -17.70 -36.19
C LYS D 93 -10.56 -16.20 -36.24
N ASN D 94 -9.75 -15.39 -35.57
CA ASN D 94 -9.88 -13.93 -35.56
C ASN D 94 -8.66 -13.37 -36.31
N LYS D 95 -8.79 -13.30 -37.64
CA LYS D 95 -7.66 -12.92 -38.47
C LYS D 95 -7.26 -11.46 -38.24
N ALA D 96 -8.21 -10.60 -37.88
CA ALA D 96 -7.90 -9.21 -37.60
C ALA D 96 -7.40 -8.99 -36.18
N GLY D 97 -7.39 -10.02 -35.35
CA GLY D 97 -7.01 -9.89 -33.96
C GLY D 97 -8.23 -9.93 -33.04
N GLY D 98 -7.97 -9.66 -31.77
CA GLY D 98 -9.03 -9.62 -30.79
C GLY D 98 -8.50 -9.79 -29.39
N MET D 99 -9.33 -9.37 -28.43
CA MET D 99 -9.00 -9.55 -27.02
C MET D 99 -8.93 -11.03 -26.68
N HIS D 100 -7.85 -11.42 -25.99
CA HIS D 100 -7.58 -12.83 -25.72
C HIS D 100 -7.90 -13.21 -24.28
N HIS D 101 -7.31 -12.52 -23.31
CA HIS D 101 -7.53 -12.88 -21.91
C HIS D 101 -7.17 -11.69 -21.03
N ILE D 102 -7.60 -11.77 -19.77
CA ILE D 102 -7.23 -10.81 -18.74
C ILE D 102 -6.43 -11.54 -17.68
N CYS D 103 -5.67 -10.78 -16.90
CA CYS D 103 -4.81 -11.31 -15.86
C CYS D 103 -5.09 -10.57 -14.56
N ILE D 104 -5.51 -11.31 -13.53
CA ILE D 104 -5.81 -10.76 -12.22
C ILE D 104 -4.83 -11.33 -11.21
N GLU D 105 -4.33 -10.48 -10.33
CA GLU D 105 -3.35 -10.90 -9.34
C GLU D 105 -4.05 -11.55 -8.14
N VAL D 106 -3.36 -12.52 -7.54
CA VAL D 106 -3.80 -13.15 -6.30
C VAL D 106 -2.68 -13.07 -5.29
N ASP D 107 -3.05 -12.94 -4.00
CA ASP D 107 -2.04 -12.77 -2.96
C ASP D 107 -1.16 -14.00 -2.82
N ASN D 108 -1.70 -15.18 -3.08
CA ASN D 108 -0.92 -16.41 -3.04
C ASN D 108 -1.60 -17.43 -3.94
N ILE D 109 -0.91 -17.82 -5.02
CA ILE D 109 -1.53 -18.69 -6.02
C ILE D 109 -1.86 -20.06 -5.43
N ASN D 110 -1.06 -20.54 -4.48
CA ASN D 110 -1.24 -21.89 -3.97
C ASN D 110 -2.50 -21.98 -3.12
N ALA D 111 -2.71 -21.02 -2.23
CA ALA D 111 -3.96 -20.97 -1.49
C ALA D 111 -5.14 -20.74 -2.43
N ALA D 112 -4.93 -19.97 -3.50
CA ALA D 112 -6.01 -19.71 -4.45
C ALA D 112 -6.45 -21.00 -5.16
N VAL D 113 -5.48 -21.79 -5.65
CA VAL D 113 -5.84 -23.01 -6.36
C VAL D 113 -6.45 -24.03 -5.40
N MET D 114 -5.96 -24.06 -4.15
CA MET D 114 -6.50 -24.99 -3.17
C MET D 114 -7.94 -24.63 -2.80
N ASP D 115 -8.27 -23.34 -2.80
CA ASP D 115 -9.63 -22.93 -2.53
C ASP D 115 -10.53 -23.11 -3.75
N LEU D 116 -9.97 -22.99 -4.95
CA LEU D 116 -10.77 -23.19 -6.16
C LEU D 116 -11.07 -24.67 -6.36
N LYS D 117 -10.10 -25.54 -6.08
CA LYS D 117 -10.37 -26.98 -6.15
C LYS D 117 -11.38 -27.38 -5.08
N LYS D 118 -11.26 -26.78 -3.89
CA LYS D 118 -12.24 -27.04 -2.83
C LYS D 118 -13.63 -26.58 -3.21
N LYS D 119 -13.74 -25.49 -3.97
CA LYS D 119 -15.02 -25.01 -4.47
C LYS D 119 -15.47 -25.73 -5.73
N LYS D 120 -14.74 -26.78 -6.14
CA LYS D 120 -15.10 -27.58 -7.30
C LYS D 120 -15.19 -26.74 -8.57
N ILE D 121 -14.22 -25.85 -8.75
CA ILE D 121 -14.14 -25.00 -9.94
C ILE D 121 -13.07 -25.58 -10.86
N CYS D 122 -13.49 -25.98 -12.07
CA CYS D 122 -12.57 -26.53 -13.03
C CYS D 122 -11.76 -25.42 -13.69
N SER D 123 -10.45 -25.63 -13.78
CA SER D 123 -9.53 -24.66 -14.36
C SER D 123 -8.96 -25.20 -15.67
N LEU D 124 -8.59 -24.29 -16.56
CA LEU D 124 -7.99 -24.64 -17.84
C LEU D 124 -6.65 -25.34 -17.64
N SER D 125 -5.68 -24.60 -17.09
CA SER D 125 -4.36 -25.15 -16.79
C SER D 125 -4.47 -26.17 -15.68
N GLU D 126 -4.25 -27.45 -16.01
CA GLU D 126 -4.36 -28.51 -15.01
C GLU D 126 -3.31 -28.37 -13.92
N GLU D 127 -2.18 -27.74 -14.22
CA GLU D 127 -1.08 -27.59 -13.28
C GLU D 127 -0.67 -26.12 -13.20
N VAL D 128 -0.28 -25.70 -11.99
CA VAL D 128 0.31 -24.39 -11.81
C VAL D 128 1.64 -24.33 -12.56
N LYS D 129 1.78 -23.34 -13.44
CA LYS D 129 2.97 -23.20 -14.26
C LYS D 129 3.48 -21.76 -14.21
N ILE D 130 4.76 -21.61 -14.53
CA ILE D 130 5.40 -20.30 -14.57
C ILE D 130 4.87 -19.48 -15.72
N GLY D 131 4.44 -18.25 -15.43
CA GLY D 131 3.85 -17.37 -16.41
C GLY D 131 4.88 -16.59 -17.20
N ALA D 132 4.38 -15.68 -18.03
CA ALA D 132 5.22 -14.87 -18.92
C ALA D 132 6.07 -13.86 -18.19
N HIS D 133 5.84 -13.68 -16.88
CA HIS D 133 6.58 -12.77 -16.02
C HIS D 133 7.40 -13.51 -14.97
N GLY D 134 7.63 -14.82 -15.14
CA GLY D 134 8.38 -15.61 -14.18
C GLY D 134 7.61 -16.04 -12.96
N LYS D 135 6.35 -15.65 -12.83
CA LYS D 135 5.58 -16.01 -11.65
C LYS D 135 4.57 -17.10 -11.96
N PRO D 136 4.20 -17.91 -10.97
CA PRO D 136 3.26 -19.02 -11.23
C PRO D 136 1.88 -18.50 -11.59
N VAL D 137 1.23 -19.18 -12.55
CA VAL D 137 -0.07 -18.77 -13.07
C VAL D 137 -0.97 -20.00 -13.22
N ILE D 138 -2.27 -19.74 -13.29
CA ILE D 138 -3.26 -20.72 -13.71
C ILE D 138 -4.29 -20.01 -14.58
N PHE D 139 -5.03 -20.79 -15.37
CA PHE D 139 -6.03 -20.26 -16.28
C PHE D 139 -7.38 -20.86 -15.95
N LEU D 140 -8.40 -20.00 -15.87
CA LEU D 140 -9.77 -20.42 -15.63
C LEU D 140 -10.53 -20.52 -16.95
N HIS D 141 -11.45 -21.47 -17.01
CA HIS D 141 -12.21 -21.70 -18.24
C HIS D 141 -13.17 -20.54 -18.46
N PRO D 142 -13.27 -20.00 -19.68
CA PRO D 142 -14.14 -18.84 -19.92
C PRO D 142 -15.61 -19.09 -19.67
N LYS D 143 -16.07 -20.34 -19.69
CA LYS D 143 -17.49 -20.63 -19.45
C LYS D 143 -17.91 -20.18 -18.06
N ASP D 144 -17.10 -20.47 -17.05
CA ASP D 144 -17.41 -20.07 -15.69
C ASP D 144 -17.07 -18.62 -15.38
N CYS D 145 -16.43 -17.91 -16.32
CA CYS D 145 -16.02 -16.53 -16.11
C CYS D 145 -16.84 -15.54 -16.93
N GLY D 146 -17.86 -16.00 -17.64
CA GLY D 146 -18.67 -15.12 -18.46
C GLY D 146 -18.22 -14.96 -19.90
N GLY D 147 -17.38 -15.87 -20.39
CA GLY D 147 -16.88 -15.82 -21.75
C GLY D 147 -15.44 -15.34 -21.88
N VAL D 148 -14.86 -14.81 -20.82
CA VAL D 148 -13.50 -14.26 -20.84
C VAL D 148 -12.55 -15.28 -20.23
N LEU D 149 -11.46 -15.59 -20.94
CA LEU D 149 -10.38 -16.37 -20.38
C LEU D 149 -9.68 -15.56 -19.30
N VAL D 150 -9.65 -16.09 -18.08
CA VAL D 150 -9.07 -15.39 -16.93
C VAL D 150 -7.82 -16.11 -16.48
N GLU D 151 -6.72 -15.38 -16.38
CA GLU D 151 -5.46 -15.90 -15.88
C GLU D 151 -5.21 -15.33 -14.49
N LEU D 152 -4.97 -16.21 -13.52
CA LEU D 152 -4.64 -15.80 -12.17
C LEU D 152 -3.13 -15.94 -11.98
N GLU D 153 -2.48 -14.86 -11.60
CA GLU D 153 -1.03 -14.78 -11.49
C GLU D 153 -0.64 -14.38 -10.08
N GLN D 154 0.44 -15.00 -9.58
CA GLN D 154 0.93 -14.69 -8.25
C GLN D 154 1.35 -13.23 -8.18
N ALA D 155 0.78 -12.48 -7.24
CA ALA D 155 1.11 -11.08 -7.07
C ALA D 155 2.49 -10.92 -6.43
CO CO E . 8.39 -8.97 10.66
CO CO F . 13.94 6.34 -4.07
CO CO G . -20.52 14.62 15.01
CO CO H . -1.01 -13.15 -20.06
#